data_5TJX
#
_entry.id   5TJX
#
_cell.length_a   55.660
_cell.length_b   59.620
_cell.length_c   77.110
_cell.angle_alpha   90.00
_cell.angle_beta   90.00
_cell.angle_gamma   90.00
#
_symmetry.space_group_name_H-M   'P 21 21 21'
#
loop_
_entity.id
_entity.type
_entity.pdbx_description
1 polymer 'Plasma kallikrein'
2 non-polymer (8E)-3-amino-1-methyl-15-[(1H-pyrazol-1-yl)methyl]-7,10,11,12,24,25-hexahydro-6H,18H,23H-19,22-(metheno)pyrido[4,3-j][1,9,13,17,18]benzodioxatriazacyclohenicosin-23-one
3 non-polymer 'PHOSPHATE ION'
4 water water
#
_entity_poly.entity_id   1
_entity_poly.type   'polypeptide(L)'
_entity_poly.pdbx_seq_one_letter_code
;NTGDNSVCTTKTSTRIVGGTESSWGEWPWQVSLQVKLTAQRHLCGGSLIGHQWVLTAAHCFDGLPLQDVWRIYSGILELS
DITKDTPFSQIKEIIIHQNYKVSEGNHDIALIKLQAPLEYTEFQKPISLPSKGDTSTIYTNCWVTGWGFSKEKGEIQNIL
QKVNIPLVTNEECQKRYQDYKITQRMVCAGYKEGGKDACKGDSGGPLVCKHNGMWRLVGITSWGEGCARREQPGVYTKVA
EYMDWILEKTQSSDGKAQMQSPA
;
_entity_poly.pdbx_strand_id   A
#
# COMPACT_ATOMS: atom_id res chain seq x y z
N ILE A 16 -7.73 2.56 7.23
CA ILE A 16 -7.34 1.63 8.31
C ILE A 16 -8.43 1.55 9.36
N VAL A 17 -8.92 0.34 9.64
CA VAL A 17 -9.89 0.09 10.71
C VAL A 17 -9.13 -0.32 11.96
N GLY A 18 -9.45 0.30 13.08
CA GLY A 18 -8.88 -0.12 14.36
C GLY A 18 -7.48 0.39 14.62
N GLY A 19 -7.02 1.38 13.86
CA GLY A 19 -5.69 1.93 14.02
C GLY A 19 -5.67 3.20 14.85
N THR A 20 -4.50 3.84 14.88
CA THR A 20 -4.29 5.09 15.59
C THR A 20 -3.41 5.99 14.73
N GLU A 21 -3.27 7.24 15.18
CA GLU A 21 -2.54 8.24 14.40
C GLU A 21 -1.04 7.99 14.44
N SER A 22 -0.41 8.12 13.28
CA SER A 22 1.04 8.01 13.15
C SER A 22 1.70 9.35 13.42
N SER A 23 3.03 9.32 13.53
CA SER A 23 3.83 10.51 13.80
CA SER A 23 3.83 10.52 13.79
C SER A 23 4.75 10.81 12.62
N TRP A 24 5.28 12.04 12.59
CA TRP A 24 6.23 12.41 11.55
C TRP A 24 7.41 11.45 11.53
N GLY A 25 7.81 11.02 10.34
CA GLY A 25 8.96 10.16 10.18
C GLY A 25 8.75 8.71 10.58
N GLU A 26 7.56 8.35 11.06
CA GLU A 26 7.35 6.98 11.53
C GLU A 26 7.33 6.00 10.35
N TRP A 27 6.71 6.39 9.24
CA TRP A 27 6.55 5.52 8.06
C TRP A 27 6.99 6.32 6.85
N PRO A 28 8.29 6.59 6.73
CA PRO A 28 8.76 7.62 5.77
C PRO A 28 8.67 7.20 4.31
N TRP A 29 8.35 5.94 4.03
CA TRP A 29 8.12 5.46 2.68
C TRP A 29 6.67 5.60 2.23
N GLN A 30 5.74 5.90 3.14
CA GLN A 30 4.34 5.96 2.75
C GLN A 30 4.09 7.19 1.88
N VAL A 31 3.45 6.98 0.74
CA VAL A 31 3.06 8.09 -0.13
C VAL A 31 1.55 8.07 -0.35
N SER A 32 1.02 9.24 -0.75
CA SER A 32 -0.38 9.39 -1.14
C SER A 32 -0.45 9.64 -2.64
N LEU A 33 -1.18 8.79 -3.34
CA LEU A 33 -1.43 8.95 -4.77
C LEU A 33 -2.75 9.69 -4.95
N GLN A 34 -2.68 10.90 -5.48
CA GLN A 34 -3.84 11.77 -5.68
C GLN A 34 -4.13 12.09 -7.15
N VAL A 35 -5.38 12.39 -7.41
CA VAL A 35 -5.80 12.80 -8.72
C VAL A 35 -6.34 14.21 -8.63
N LYS A 36 -5.78 15.05 -9.49
CA LYS A 36 -6.21 16.44 -9.61
C LYS A 36 -7.01 16.64 -10.88
N LEU A 37 -8.28 16.92 -10.70
CA LEU A 37 -9.18 17.26 -11.80
C LEU A 37 -9.57 18.59 -11.22
N THR A 38 -10.78 19.08 -11.46
CA THR A 38 -11.20 20.31 -10.77
C THR A 38 -10.81 20.32 -9.30
N ALA A 39 -11.26 19.33 -8.55
CA ALA A 39 -10.82 19.11 -7.18
C ALA A 39 -9.73 18.05 -7.16
N GLN A 40 -9.07 17.96 -6.04
CA GLN A 40 -8.00 17.00 -5.85
C GLN A 40 -8.36 16.06 -4.72
N ARG A 41 -8.09 14.77 -4.90
CA ARG A 41 -8.46 13.80 -3.89
C ARG A 41 -7.43 12.68 -3.80
N HIS A 42 -7.25 12.18 -2.58
CA HIS A 42 -6.47 10.98 -2.36
C HIS A 42 -7.23 9.75 -2.85
N LEU A 43 -6.55 8.92 -3.66
CA LEU A 43 -7.13 7.67 -4.14
C LEU A 43 -6.48 6.43 -3.56
N CYS A 44 -5.16 6.40 -3.43
CA CYS A 44 -4.47 5.19 -3.04
C CYS A 44 -3.21 5.52 -2.27
N GLY A 45 -2.70 4.52 -1.56
CA GLY A 45 -1.37 4.59 -1.01
C GLY A 45 -0.34 4.03 -1.96
N GLY A 46 0.92 4.16 -1.52
CA GLY A 46 2.05 3.59 -2.23
C GLY A 46 3.25 3.60 -1.30
N SER A 47 4.31 2.94 -1.74
CA SER A 47 5.55 2.84 -0.99
C SER A 47 6.72 3.33 -1.84
N LEU A 48 7.46 4.30 -1.32
CA LEU A 48 8.70 4.71 -1.97
C LEU A 48 9.73 3.59 -1.82
N ILE A 49 10.26 3.08 -2.94
CA ILE A 49 11.27 2.04 -2.92
C ILE A 49 12.62 2.49 -3.45
N GLY A 50 12.71 3.70 -4.02
CA GLY A 50 13.97 4.24 -4.48
C GLY A 50 13.74 5.70 -4.79
N HIS A 51 14.80 6.37 -5.24
CA HIS A 51 14.71 7.80 -5.49
C HIS A 51 13.60 8.10 -6.50
N GLN A 52 13.41 7.23 -7.48
CA GLN A 52 12.51 7.52 -8.59
C GLN A 52 11.41 6.47 -8.76
N TRP A 53 11.17 5.62 -7.75
CA TRP A 53 10.27 4.49 -7.89
C TRP A 53 9.33 4.36 -6.69
N VAL A 54 8.04 4.15 -7.01
CA VAL A 54 6.99 3.87 -6.04
C VAL A 54 6.31 2.57 -6.43
N LEU A 55 6.02 1.73 -5.43
CA LEU A 55 5.28 0.50 -5.63
C LEU A 55 3.86 0.70 -5.12
N THR A 56 2.87 0.26 -5.90
CA THR A 56 1.47 0.42 -5.50
C THR A 56 0.68 -0.78 -6.03
N ALA A 57 -0.64 -0.69 -5.95
CA ALA A 57 -1.52 -1.73 -6.46
C ALA A 57 -2.00 -1.41 -7.86
N ALA A 58 -2.01 -2.41 -8.74
CA ALA A 58 -2.48 -2.22 -10.10
C ALA A 58 -3.91 -1.68 -10.15
N HIS A 59 -4.77 -2.12 -9.22
CA HIS A 59 -6.18 -1.75 -9.32
C HIS A 59 -6.42 -0.26 -9.08
N CYS A 60 -5.44 0.45 -8.53
CA CYS A 60 -5.56 1.89 -8.37
C CYS A 60 -5.73 2.60 -9.70
N PHE A 61 -5.34 1.95 -10.79
CA PHE A 61 -5.40 2.52 -12.14
C PHE A 61 -6.56 1.97 -12.97
N ASP A 62 -7.56 1.38 -12.32
CA ASP A 62 -8.70 0.80 -13.04
C ASP A 62 -9.56 1.84 -13.75
N GLY A 63 -9.53 3.10 -13.33
CA GLY A 63 -10.35 4.14 -13.93
C GLY A 63 -9.81 4.58 -15.27
N LEU A 64 -10.43 5.63 -15.82
CA LEU A 64 -9.97 6.12 -17.11
C LEU A 64 -8.48 6.44 -17.04
N PRO A 65 -7.71 6.10 -18.07
CA PRO A 65 -6.26 6.39 -18.05
C PRO A 65 -5.96 7.83 -18.45
N LEU A 66 -6.38 8.76 -17.58
CA LEU A 66 -6.21 10.17 -17.86
C LEU A 66 -4.74 10.55 -17.76
N GLN A 67 -4.32 11.48 -18.62
CA GLN A 67 -2.94 11.93 -18.65
C GLN A 67 -2.76 13.17 -17.78
N ASP A 68 -1.63 13.20 -17.06
CA ASP A 68 -1.20 14.39 -16.31
C ASP A 68 -2.22 14.82 -15.26
N VAL A 69 -2.76 13.84 -14.54
CA VAL A 69 -3.66 14.11 -13.41
C VAL A 69 -3.11 13.61 -12.08
N TRP A 70 -2.15 12.69 -12.07
CA TRP A 70 -1.71 12.11 -10.82
C TRP A 70 -0.66 12.98 -10.15
N ARG A 71 -0.78 13.10 -8.83
CA ARG A 71 0.18 13.80 -7.99
C ARG A 71 0.54 12.87 -6.85
N ILE A 72 1.83 12.69 -6.61
CA ILE A 72 2.30 11.78 -5.58
C ILE A 72 2.94 12.59 -4.47
N TYR A 73 2.42 12.44 -3.26
CA TYR A 73 2.88 13.19 -2.10
C TYR A 73 3.66 12.29 -1.16
N SER A 74 4.86 12.71 -0.80
CA SER A 74 5.74 11.99 0.12
C SER A 74 6.09 12.94 1.26
N GLY A 75 6.50 12.35 2.38
CA GLY A 75 6.86 13.18 3.52
C GLY A 75 5.68 13.97 4.07
N ILE A 76 4.49 13.38 4.07
CA ILE A 76 3.29 14.03 4.55
C ILE A 76 2.62 13.17 5.61
N LEU A 77 1.99 13.83 6.58
CA LEU A 77 1.25 13.17 7.64
C LEU A 77 -0.24 13.38 7.55
N GLU A 78 -0.67 14.61 7.28
CA GLU A 78 -2.08 14.98 7.28
C GLU A 78 -2.47 15.48 5.90
N LEU A 79 -3.54 14.91 5.33
CA LEU A 79 -3.97 15.32 4.00
C LEU A 79 -4.37 16.79 3.97
N SER A 80 -4.94 17.30 5.06
CA SER A 80 -5.37 18.70 5.10
C SER A 80 -4.19 19.67 5.03
N ASP A 81 -2.96 19.22 5.28
CA ASP A 81 -1.81 20.11 5.13
C ASP A 81 -1.44 20.34 3.68
N ILE A 82 -1.97 19.55 2.74
CA ILE A 82 -1.60 19.71 1.34
C ILE A 82 -2.28 20.94 0.76
N THR A 83 -1.48 21.86 0.21
CA THR A 83 -1.99 23.03 -0.50
C THR A 83 -1.19 23.17 -1.80
N LYS A 84 -1.50 24.23 -2.55
CA LYS A 84 -0.84 24.40 -3.85
C LYS A 84 0.68 24.51 -3.70
N ASP A 85 1.17 24.97 -2.54
CA ASP A 85 2.59 25.12 -2.35
C ASP A 85 3.30 23.86 -1.88
N THR A 86 2.54 22.82 -1.51
CA THR A 86 3.16 21.57 -1.09
C THR A 86 3.83 20.89 -2.27
N PRO A 87 5.08 20.47 -2.16
CA PRO A 87 5.73 19.79 -3.29
C PRO A 87 5.11 18.42 -3.54
N PHE A 88 5.15 18.00 -4.81
CA PHE A 88 4.66 16.69 -5.18
C PHE A 88 5.48 16.16 -6.34
N SER A 89 5.42 14.85 -6.53
CA SER A 89 6.04 14.17 -7.66
C SER A 89 5.01 13.86 -8.73
N GLN A 90 5.49 13.73 -9.96
CA GLN A 90 4.64 13.39 -11.09
C GLN A 90 5.08 12.06 -11.69
N ILE A 91 4.17 11.48 -12.47
CA ILE A 91 4.40 10.17 -13.06
C ILE A 91 5.11 10.33 -14.39
N LYS A 92 6.24 9.65 -14.53
CA LYS A 92 6.87 9.46 -15.84
C LYS A 92 6.37 8.22 -16.53
N GLU A 93 6.17 7.13 -15.79
CA GLU A 93 5.72 5.87 -16.36
C GLU A 93 4.96 5.08 -15.30
N ILE A 94 3.89 4.41 -15.73
CA ILE A 94 3.16 3.45 -14.94
C ILE A 94 3.40 2.09 -15.56
N ILE A 95 3.80 1.12 -14.74
CA ILE A 95 4.06 -0.24 -15.21
C ILE A 95 3.12 -1.15 -14.43
N ILE A 96 2.00 -1.51 -15.03
CA ILE A 96 1.03 -2.43 -14.42
C ILE A 96 1.45 -3.85 -14.78
N HIS A 97 1.44 -4.75 -13.80
CA HIS A 97 1.84 -6.12 -14.08
C HIS A 97 1.04 -6.67 -15.26
N GLN A 98 1.74 -7.35 -16.17
CA GLN A 98 1.14 -7.71 -17.45
C GLN A 98 -0.04 -8.66 -17.28
N ASN A 99 -0.10 -9.41 -16.20
CA ASN A 99 -1.15 -10.42 -16.02
C ASN A 99 -2.28 -9.95 -15.12
N TYR A 100 -2.24 -8.71 -14.64
CA TYR A 100 -3.33 -8.18 -13.85
C TYR A 100 -4.59 -8.00 -14.70
N LYS A 101 -5.74 -8.40 -14.16
CA LYS A 101 -7.05 -8.22 -14.77
C LYS A 101 -8.00 -7.49 -13.82
N VAL A 102 -8.78 -6.56 -14.37
CA VAL A 102 -9.68 -5.74 -13.55
C VAL A 102 -10.71 -6.59 -12.80
N SER A 103 -10.95 -6.24 -11.53
CA SER A 103 -11.91 -6.91 -10.65
C SER A 103 -11.48 -8.31 -10.23
N GLU A 104 -10.20 -8.63 -10.39
CA GLU A 104 -9.66 -9.91 -10.00
C GLU A 104 -8.40 -9.68 -9.18
N GLY A 105 -8.05 -10.68 -8.37
CA GLY A 105 -7.03 -10.46 -7.37
C GLY A 105 -5.60 -10.63 -7.86
N ASN A 106 -5.38 -11.45 -8.88
CA ASN A 106 -4.02 -11.85 -9.18
C ASN A 106 -3.17 -10.67 -9.65
N HIS A 107 -1.92 -10.63 -9.18
CA HIS A 107 -0.93 -9.70 -9.70
C HIS A 107 -1.34 -8.24 -9.51
N ASP A 108 -1.90 -7.94 -8.34
CA ASP A 108 -2.34 -6.58 -8.03
C ASP A 108 -1.13 -5.76 -7.59
N ILE A 109 -0.36 -5.34 -8.59
CA ILE A 109 0.91 -4.67 -8.34
C ILE A 109 1.23 -3.79 -9.54
N ALA A 110 1.79 -2.61 -9.25
CA ALA A 110 2.21 -1.68 -10.28
C ALA A 110 3.40 -0.88 -9.78
N LEU A 111 4.31 -0.56 -10.70
CA LEU A 111 5.41 0.35 -10.41
C LEU A 111 5.11 1.71 -11.03
N ILE A 112 5.53 2.77 -10.33
CA ILE A 112 5.45 4.13 -10.84
C ILE A 112 6.87 4.67 -10.87
N LYS A 113 7.32 5.08 -12.06
CA LYS A 113 8.57 5.83 -12.17
C LYS A 113 8.23 7.31 -12.12
N LEU A 114 8.88 8.03 -11.20
CA LEU A 114 8.67 9.47 -11.02
C LEU A 114 9.44 10.26 -12.07
N GLN A 115 8.98 11.49 -12.32
CA GLN A 115 9.63 12.36 -13.30
C GLN A 115 10.98 12.88 -12.83
N ALA A 116 11.22 12.91 -11.51
CA ALA A 116 12.46 13.42 -10.94
C ALA A 116 12.80 12.60 -9.71
N PRO A 117 14.08 12.39 -9.42
CA PRO A 117 14.45 11.65 -8.19
C PRO A 117 14.15 12.46 -6.94
N LEU A 118 13.57 11.80 -5.96
CA LEU A 118 13.33 12.40 -4.65
C LEU A 118 14.55 12.21 -3.76
N GLU A 119 14.89 13.25 -3.01
CA GLU A 119 15.95 13.13 -2.01
CA GLU A 119 15.94 13.12 -2.02
C GLU A 119 15.43 12.34 -0.81
N TYR A 120 16.32 11.61 -0.18
CA TYR A 120 15.99 10.92 1.06
C TYR A 120 16.23 11.90 2.21
N THR A 121 15.24 12.04 3.07
CA THR A 121 15.34 12.95 4.19
C THR A 121 14.86 12.25 5.46
N GLU A 122 14.90 13.02 6.55
CA GLU A 122 14.32 12.62 7.82
C GLU A 122 12.88 12.14 7.68
N PHE A 123 12.16 12.65 6.69
CA PHE A 123 10.72 12.45 6.59
C PHE A 123 10.29 11.64 5.40
N GLN A 124 11.20 11.34 4.47
CA GLN A 124 10.86 10.55 3.29
C GLN A 124 12.08 9.72 2.91
N LYS A 125 11.91 8.40 2.94
CA LYS A 125 13.00 7.45 2.79
C LYS A 125 12.39 6.18 2.21
N PRO A 126 13.18 5.37 1.52
CA PRO A 126 12.62 4.14 0.96
C PRO A 126 12.48 3.02 1.99
N ILE A 127 11.53 2.14 1.71
CA ILE A 127 11.40 0.88 2.45
C ILE A 127 12.22 -0.18 1.72
N SER A 128 12.97 -0.96 2.49
CA SER A 128 13.80 -2.02 1.91
C SER A 128 12.93 -3.13 1.35
N LEU A 129 13.30 -3.62 0.17
CA LEU A 129 12.59 -4.74 -0.42
C LEU A 129 13.06 -6.06 0.20
N PRO A 130 12.22 -7.08 0.20
CA PRO A 130 12.62 -8.38 0.76
C PRO A 130 13.61 -9.09 -0.16
N SER A 131 14.37 -10.00 0.44
CA SER A 131 15.38 -10.77 -0.30
C SER A 131 14.80 -11.36 -1.59
N THR A 137 11.69 -16.86 6.26
CA THR A 137 11.53 -16.02 7.43
C THR A 137 10.08 -15.95 7.88
N ILE A 138 9.87 -16.11 9.18
CA ILE A 138 8.54 -16.05 9.79
C ILE A 138 8.44 -14.68 10.44
N TYR A 139 7.74 -13.76 9.78
CA TYR A 139 7.69 -12.39 10.25
C TYR A 139 6.75 -12.24 11.43
N THR A 140 7.25 -11.61 12.47
CA THR A 140 6.43 -11.00 13.49
C THR A 140 6.65 -9.50 13.41
N ASN A 141 5.73 -8.77 14.05
CA ASN A 141 5.73 -7.31 14.13
C ASN A 141 5.50 -6.67 12.77
N CYS A 142 4.27 -6.82 12.30
CA CYS A 142 3.86 -6.30 11.01
C CYS A 142 2.83 -5.19 11.19
N TRP A 143 2.97 -4.14 10.37
CA TRP A 143 2.12 -2.95 10.43
C TRP A 143 1.61 -2.61 9.05
N VAL A 144 0.41 -2.05 9.02
N VAL A 144 0.39 -2.09 8.99
CA VAL A 144 -0.22 -1.57 7.80
CA VAL A 144 -0.20 -1.58 7.76
C VAL A 144 -0.65 -0.13 8.05
C VAL A 144 -0.70 -0.16 8.02
N THR A 145 -0.46 0.73 7.06
CA THR A 145 -0.67 2.15 7.24
C THR A 145 -1.44 2.75 6.06
N GLY A 146 -2.13 3.85 6.31
CA GLY A 146 -2.77 4.55 5.21
C GLY A 146 -3.81 5.55 5.68
N TRP A 147 -4.38 6.23 4.69
CA TRP A 147 -5.42 7.24 4.90
C TRP A 147 -6.81 6.74 4.53
N GLY A 148 -6.99 5.42 4.39
CA GLY A 148 -8.26 4.86 3.97
C GLY A 148 -9.33 4.89 5.04
N PHE A 149 -10.49 4.32 4.68
CA PHE A 149 -11.66 4.30 5.55
C PHE A 149 -11.33 3.69 6.91
N SER A 150 -11.92 4.24 7.96
CA SER A 150 -11.78 3.70 9.31
C SER A 150 -12.90 2.74 9.67
N LYS A 151 -13.86 2.54 8.77
CA LYS A 151 -14.94 1.59 8.92
C LYS A 151 -15.43 1.22 7.52
N GLU A 152 -16.17 0.12 7.46
CA GLU A 152 -16.54 -0.45 6.16
C GLU A 152 -17.18 0.59 5.25
N LYS A 153 -18.14 1.35 5.76
CA LYS A 153 -18.81 2.34 4.93
C LYS A 153 -18.37 3.75 5.31
N GLY A 154 -17.07 3.96 5.39
CA GLY A 154 -16.50 5.15 5.99
C GLY A 154 -16.01 6.17 4.97
N GLU A 155 -14.98 6.93 5.37
CA GLU A 155 -14.43 8.01 4.57
C GLU A 155 -12.94 8.07 4.80
N ILE A 156 -12.25 8.72 3.85
CA ILE A 156 -10.81 8.94 3.96
C ILE A 156 -10.49 9.65 5.27
N GLN A 157 -9.42 9.20 5.92
CA GLN A 157 -8.98 9.77 7.19
C GLN A 157 -7.88 10.80 6.96
N ASN A 158 -7.90 11.86 7.76
CA ASN A 158 -6.99 12.98 7.53
C ASN A 158 -5.55 12.66 7.95
N ILE A 159 -5.37 12.04 9.12
CA ILE A 159 -4.04 11.75 9.66
C ILE A 159 -3.69 10.31 9.36
N LEU A 160 -2.48 10.08 8.86
CA LEU A 160 -2.04 8.74 8.48
C LEU A 160 -2.22 7.77 9.64
N GLN A 161 -2.95 6.69 9.39
CA GLN A 161 -3.27 5.71 10.42
C GLN A 161 -2.32 4.51 10.35
N LYS A 162 -2.13 3.87 11.51
CA LYS A 162 -1.29 2.68 11.62
C LYS A 162 -1.99 1.63 12.45
N VAL A 163 -1.75 0.36 12.12
CA VAL A 163 -2.29 -0.74 12.89
C VAL A 163 -1.33 -1.93 12.80
N ASN A 164 -1.21 -2.65 13.90
CA ASN A 164 -0.33 -3.80 14.05
C ASN A 164 -1.20 -5.04 13.82
N ILE A 165 -0.85 -5.86 12.84
CA ILE A 165 -1.68 -7.01 12.47
C ILE A 165 -0.81 -8.26 12.26
N PRO A 166 -1.23 -9.43 12.75
CA PRO A 166 -0.43 -10.64 12.51
C PRO A 166 -0.65 -11.22 11.12
N LEU A 167 0.42 -11.76 10.55
CA LEU A 167 0.26 -12.54 9.33
C LEU A 167 -0.45 -13.85 9.65
N VAL A 168 -1.14 -14.39 8.65
CA VAL A 168 -1.69 -15.73 8.74
C VAL A 168 -1.08 -16.54 7.61
N THR A 169 -1.07 -17.86 7.78
CA THR A 169 -0.49 -18.69 6.75
C THR A 169 -1.39 -18.69 5.53
N ASN A 170 -0.81 -19.03 4.37
CA ASN A 170 -1.59 -19.16 3.15
CA ASN A 170 -1.63 -19.11 3.17
C ASN A 170 -2.69 -20.20 3.31
N GLU A 171 -2.38 -21.31 3.99
CA GLU A 171 -3.39 -22.34 4.20
C GLU A 171 -4.57 -21.80 5.01
N GLU A 172 -4.28 -21.02 6.05
CA GLU A 172 -5.36 -20.43 6.84
C GLU A 172 -6.13 -19.39 6.03
N CYS A 173 -5.42 -18.56 5.26
CA CYS A 173 -6.12 -17.57 4.45
C CYS A 173 -7.03 -18.26 3.43
N GLN A 174 -6.55 -19.33 2.81
CA GLN A 174 -7.37 -20.06 1.85
C GLN A 174 -8.62 -20.63 2.51
N LYS A 175 -8.49 -21.09 3.76
CA LYS A 175 -9.65 -21.59 4.49
C LYS A 175 -10.68 -20.49 4.71
N ARG A 176 -10.24 -19.23 4.85
CA ARG A 176 -11.17 -18.13 5.07
C ARG A 176 -11.83 -17.64 3.79
N TYR A 177 -11.24 -17.95 2.62
CA TYR A 177 -11.75 -17.46 1.34
C TYR A 177 -11.81 -18.63 0.34
N GLN A 178 -12.58 -19.65 0.68
CA GLN A 178 -12.69 -20.80 -0.20
C GLN A 178 -13.34 -20.47 -1.53
N ASP A 179 -13.92 -19.28 -1.67
CA ASP A 179 -14.50 -18.84 -2.93
C ASP A 179 -13.47 -18.23 -3.88
N TYR A 180 -12.21 -18.11 -3.45
CA TYR A 180 -11.14 -17.59 -4.28
C TYR A 180 -9.94 -18.52 -4.17
N LYS A 181 -8.99 -18.34 -5.06
CA LYS A 181 -7.71 -19.04 -5.00
C LYS A 181 -6.70 -18.09 -4.37
N ILE A 182 -6.27 -18.40 -3.15
CA ILE A 182 -5.21 -17.64 -2.49
C ILE A 182 -3.89 -18.28 -2.92
N THR A 183 -3.11 -17.56 -3.72
CA THR A 183 -1.91 -18.11 -4.33
C THR A 183 -0.68 -17.82 -3.45
N GLN A 184 0.42 -18.48 -3.79
CA GLN A 184 1.69 -18.20 -3.13
C GLN A 184 2.19 -16.78 -3.39
N ARG A 185 1.61 -16.06 -4.33
CA ARG A 185 1.99 -14.68 -4.60
C ARG A 185 1.16 -13.69 -3.79
N MET A 186 0.37 -14.17 -2.84
CA MET A 186 -0.37 -13.34 -1.91
C MET A 186 0.06 -13.66 -0.49
N VAL A 187 -0.11 -12.67 0.40
CA VAL A 187 0.12 -12.86 1.83
C VAL A 187 -1.06 -12.22 2.54
N CYS A 188 -1.53 -12.86 3.61
CA CYS A 188 -2.71 -12.38 4.31
C CYS A 188 -2.37 -12.00 5.75
N ALA A 189 -3.17 -11.09 6.31
CA ALA A 189 -2.95 -10.65 7.68
C ALA A 189 -4.30 -10.27 8.29
N GLY A 190 -4.53 -10.71 9.51
CA GLY A 190 -5.78 -10.38 10.18
C GLY A 190 -5.87 -11.09 11.50
N TYR A 191 -6.84 -10.66 12.30
CA TYR A 191 -7.17 -11.28 13.57
C TYR A 191 -8.40 -12.18 13.44
N LYS A 192 -8.40 -13.27 14.18
CA LYS A 192 -9.53 -14.21 14.11
C LYS A 192 -10.87 -13.50 14.27
N GLU A 193 -10.99 -12.63 15.27
CA GLU A 193 -12.24 -11.93 15.52
C GLU A 193 -12.30 -10.54 14.88
N GLY A 194 -11.36 -10.22 14.01
CA GLY A 194 -11.46 -9.02 13.21
C GLY A 194 -11.16 -7.75 14.00
N GLY A 195 -11.62 -6.62 13.44
CA GLY A 195 -11.56 -5.35 14.10
C GLY A 195 -10.39 -4.47 13.69
N LYS A 196 -9.40 -5.04 13.01
CA LYS A 196 -8.19 -4.32 12.59
C LYS A 196 -7.86 -4.78 11.18
N ASP A 197 -7.75 -3.84 10.24
CA ASP A 197 -7.62 -4.21 8.83
C ASP A 197 -7.35 -2.93 8.03
N ALA A 198 -6.85 -3.12 6.81
CA ALA A 198 -6.90 -2.07 5.81
C ALA A 198 -8.29 -2.01 5.17
N CYS A 199 -8.57 -0.93 4.45
CA CYS A 199 -9.89 -0.75 3.86
C CYS A 199 -9.74 0.10 2.59
N LYS A 200 -10.88 0.53 2.02
CA LYS A 200 -10.82 1.36 0.82
C LYS A 200 -10.00 2.62 1.09
N GLY A 201 -9.18 3.01 0.12
CA GLY A 201 -8.28 4.12 0.27
C GLY A 201 -6.91 3.77 0.82
N ASP A 202 -6.75 2.58 1.41
CA ASP A 202 -5.44 2.10 1.81
C ASP A 202 -4.74 1.32 0.70
N SER A 203 -5.48 0.94 -0.34
CA SER A 203 -4.95 0.14 -1.44
C SER A 203 -3.63 0.70 -1.94
N GLY A 204 -2.69 -0.20 -2.19
CA GLY A 204 -1.41 0.18 -2.75
C GLY A 204 -0.36 0.53 -1.72
N GLY A 205 -0.78 0.78 -0.48
CA GLY A 205 0.15 1.10 0.58
C GLY A 205 0.87 -0.13 1.09
N PRO A 206 1.75 0.10 2.05
CA PRO A 206 2.63 -0.95 2.55
C PRO A 206 2.03 -1.81 3.66
N LEU A 207 2.44 -3.07 3.62
CA LEU A 207 2.45 -3.96 4.79
C LEU A 207 3.91 -4.22 5.08
N VAL A 208 4.41 -3.72 6.20
CA VAL A 208 5.83 -3.83 6.55
C VAL A 208 5.98 -4.71 7.78
N CYS A 209 7.09 -5.43 7.84
CA CYS A 209 7.39 -6.25 9.00
C CYS A 209 8.85 -6.06 9.37
N LYS A 210 9.15 -6.31 10.64
CA LYS A 210 10.51 -6.22 11.12
C LYS A 210 11.24 -7.51 10.81
N HIS A 211 12.52 -7.36 10.50
CA HIS A 211 13.42 -8.51 10.47
C HIS A 211 14.83 -7.97 10.65
N ASN A 212 15.59 -8.59 11.55
CA ASN A 212 16.95 -8.16 11.85
C ASN A 212 17.01 -6.69 12.26
N GLY A 213 15.96 -6.21 12.93
CA GLY A 213 15.90 -4.81 13.33
C GLY A 213 15.60 -3.84 12.23
N MET A 214 15.24 -4.33 11.05
CA MET A 214 15.02 -3.50 9.88
C MET A 214 13.62 -3.76 9.33
N TRP A 215 12.96 -2.69 8.91
CA TRP A 215 11.68 -2.85 8.22
C TRP A 215 11.91 -3.39 6.83
N ARG A 216 11.02 -4.29 6.39
CA ARG A 216 11.00 -4.79 5.03
C ARG A 216 9.58 -4.72 4.50
N LEU A 217 9.44 -4.42 3.21
CA LEU A 217 8.13 -4.38 2.57
C LEU A 217 7.69 -5.81 2.25
N VAL A 218 6.72 -6.32 2.99
CA VAL A 218 6.27 -7.69 2.80
C VAL A 218 5.07 -7.77 1.87
N GLY A 219 4.17 -6.78 1.92
CA GLY A 219 2.94 -6.84 1.16
C GLY A 219 2.55 -5.48 0.61
N ILE A 220 1.72 -5.52 -0.43
CA ILE A 220 1.04 -4.34 -0.97
C ILE A 220 -0.45 -4.52 -0.69
N THR A 221 -1.05 -3.54 -0.03
CA THR A 221 -2.46 -3.64 0.34
C THR A 221 -3.35 -3.79 -0.88
N SER A 222 -4.19 -4.82 -0.87
CA SER A 222 -4.99 -5.15 -2.04
C SER A 222 -6.50 -5.26 -1.79
N TRP A 223 -6.94 -6.17 -0.92
CA TRP A 223 -8.34 -6.56 -0.92
C TRP A 223 -8.73 -7.21 0.41
N GLY A 224 -10.04 -7.16 0.68
CA GLY A 224 -10.69 -8.01 1.67
C GLY A 224 -12.17 -8.06 1.37
N GLU A 225 -12.86 -9.01 2.00
CA GLU A 225 -14.32 -9.11 1.88
C GLU A 225 -14.92 -8.29 3.02
N GLY A 226 -15.49 -7.13 2.67
CA GLY A 226 -15.76 -6.15 3.71
C GLY A 226 -14.43 -5.62 4.23
N CYS A 227 -14.48 -5.03 5.43
CA CYS A 227 -13.28 -4.57 6.12
C CYS A 227 -13.34 -4.98 7.58
N ALA A 228 -12.26 -5.59 8.06
CA ALA A 228 -12.09 -5.92 9.47
C ALA A 228 -13.12 -6.92 10.00
N ARG A 229 -13.76 -7.71 9.13
CA ARG A 229 -14.71 -8.70 9.60
C ARG A 229 -14.00 -9.87 10.25
N ARG A 230 -14.67 -10.53 11.18
CA ARG A 230 -14.07 -11.72 11.79
C ARG A 230 -13.78 -12.76 10.72
N GLU A 231 -12.65 -13.45 10.88
CA GLU A 231 -12.28 -14.57 10.01
C GLU A 231 -12.23 -14.17 8.54
N GLN A 232 -11.88 -12.91 8.27
CA GLN A 232 -11.74 -12.41 6.90
C GLN A 232 -10.49 -11.55 6.82
N PRO A 233 -9.32 -12.19 6.71
CA PRO A 233 -8.07 -11.43 6.74
C PRO A 233 -7.93 -10.57 5.50
N GLY A 234 -7.10 -9.55 5.64
CA GLY A 234 -6.72 -8.75 4.48
C GLY A 234 -5.80 -9.55 3.58
N VAL A 235 -5.99 -9.39 2.27
CA VAL A 235 -5.16 -10.02 1.25
C VAL A 235 -4.24 -8.96 0.66
N TYR A 236 -2.95 -9.28 0.61
CA TYR A 236 -1.90 -8.37 0.15
C TYR A 236 -1.09 -9.06 -0.94
N THR A 237 -0.58 -8.29 -1.89
CA THR A 237 0.34 -8.85 -2.86
C THR A 237 1.68 -9.11 -2.17
N LYS A 238 2.20 -10.33 -2.31
CA LYS A 238 3.42 -10.73 -1.60
C LYS A 238 4.63 -10.26 -2.40
N VAL A 239 5.30 -9.21 -1.89
CA VAL A 239 6.32 -8.52 -2.67
C VAL A 239 7.47 -9.46 -3.02
N ALA A 240 7.86 -10.34 -2.10
CA ALA A 240 8.98 -11.25 -2.36
C ALA A 240 8.76 -12.08 -3.63
N GLU A 241 7.51 -12.38 -3.95
CA GLU A 241 7.19 -13.18 -5.13
C GLU A 241 7.13 -12.34 -6.41
N TYR A 242 7.40 -11.04 -6.32
CA TYR A 242 7.49 -10.17 -7.49
C TYR A 242 8.86 -9.52 -7.62
N MET A 243 9.87 -10.01 -6.91
CA MET A 243 11.18 -9.36 -6.96
C MET A 243 11.82 -9.48 -8.34
N ASP A 244 11.70 -10.64 -9.00
CA ASP A 244 12.26 -10.75 -10.34
C ASP A 244 11.62 -9.72 -11.27
N TRP A 245 10.31 -9.54 -11.15
CA TRP A 245 9.60 -8.55 -11.95
C TRP A 245 10.03 -7.14 -11.60
N ILE A 246 10.13 -6.82 -10.30
CA ILE A 246 10.55 -5.48 -9.88
C ILE A 246 11.95 -5.17 -10.41
N LEU A 247 12.88 -6.10 -10.23
CA LEU A 247 14.24 -5.87 -10.69
C LEU A 247 14.30 -5.72 -12.21
N GLU A 248 13.53 -6.53 -12.93
CA GLU A 248 13.50 -6.42 -14.39
C GLU A 248 12.98 -5.06 -14.83
N LYS A 249 11.88 -4.60 -14.22
CA LYS A 249 11.24 -3.37 -14.70
C LYS A 249 12.02 -2.12 -14.28
N THR A 250 12.77 -2.18 -13.18
CA THR A 250 13.50 -1.01 -12.70
C THR A 250 14.92 -0.95 -13.22
N GLN A 251 15.38 -1.94 -13.96
CA GLN A 251 16.75 -1.90 -14.47
C GLN A 251 16.79 -1.98 -16.00
#